data_6E0T
#
_entry.id   6E0T
#
_cell.length_a   81.085
_cell.length_b   106.717
_cell.length_c   64.649
_cell.angle_alpha   90.00
_cell.angle_beta   90.00
_cell.angle_gamma   90.00
#
_symmetry.space_group_name_H-M   'C 2 2 21'
#
loop_
_entity.id
_entity.type
_entity.pdbx_description
1 polymer 'Prolyl 3,4-dihydroxylase ofd1'
2 water water
#
_entity_poly.entity_id   1
_entity_poly.type   'polypeptide(L)'
_entity_poly.pdbx_seq_one_letter_code
;SGIPMKQMDLELPRFSYYPVVKPEPLSKQDTDILSNYINPLYLTPDGIEKLSKRFFQDSVIVLVEFLNQEFANTLLKRII
DAERQPTPMHSSEVSFPWKTAIPPHKHRYLYLDHEEFGPDIILPMDLQRLPAFQRWIQLVSGLPLRSFHQVGRRFRPGSD
FTLATTNDTALLEATLCLSPGTGIANTDNGAYDIYMIGDEDPDVDAAVYRGDQQDDSILLSLPAAWNVFSLVYRDEGVLQ
FVKYVSRQAESSRWDIYSQWNPVAE
;
_entity_poly.pdbx_strand_id   X
#
# COMPACT_ATOMS: atom_id res chain seq x y z
N SER A 1 -5.88 8.37 34.52
CA SER A 1 -6.98 7.46 34.79
C SER A 1 -8.12 7.70 33.81
N GLY A 2 -9.00 6.70 33.65
CA GLY A 2 -10.10 6.81 32.71
C GLY A 2 -11.27 5.91 33.06
N ILE A 3 -12.36 6.05 32.31
CA ILE A 3 -13.58 5.29 32.54
C ILE A 3 -14.45 5.34 31.28
N PRO A 4 -14.97 4.18 30.84
CA PRO A 4 -14.75 2.81 31.29
C PRO A 4 -13.47 2.25 30.71
N MET A 5 -13.37 0.92 30.62
CA MET A 5 -12.23 0.29 29.97
C MET A 5 -12.19 0.59 28.48
N LYS A 6 -10.98 0.59 27.94
CA LYS A 6 -10.77 0.70 26.50
C LYS A 6 -11.45 -0.45 25.77
N GLN A 7 -12.25 -0.12 24.75
CA GLN A 7 -12.99 -1.12 23.97
C GLN A 7 -12.76 -0.91 22.48
N MET A 8 -12.11 -1.87 21.84
CA MET A 8 -11.64 -1.71 20.46
C MET A 8 -12.40 -2.56 19.44
N ASP A 9 -13.59 -3.03 19.81
CA ASP A 9 -14.35 -3.91 18.91
C ASP A 9 -14.83 -3.15 17.68
N LEU A 10 -15.25 -1.91 17.88
CA LEU A 10 -15.85 -1.12 16.81
C LEU A 10 -14.77 -0.57 15.88
N GLU A 11 -14.40 -1.36 14.87
CA GLU A 11 -13.36 -0.95 13.93
C GLU A 11 -13.21 -1.90 12.74
N LEU A 12 -13.27 -1.33 11.54
CA LEU A 12 -13.03 -2.05 10.29
C LEU A 12 -12.08 -1.22 9.42
N PRO A 13 -11.20 -1.88 8.64
CA PRO A 13 -11.01 -3.32 8.50
C PRO A 13 -10.33 -3.97 9.70
N ARG A 14 -10.48 -5.27 9.84
CA ARG A 14 -9.71 -6.04 10.80
C ARG A 14 -8.83 -7.03 10.03
N PHE A 15 -7.53 -6.75 10.02
CA PHE A 15 -6.61 -7.51 9.19
C PHE A 15 -6.25 -8.86 9.78
N SER A 16 -6.45 -9.92 8.99
CA SER A 16 -5.88 -11.22 9.30
C SER A 16 -4.63 -11.42 8.44
N TYR A 17 -3.60 -12.02 9.03
CA TYR A 17 -2.34 -12.20 8.32
C TYR A 17 -2.29 -13.54 7.60
N TYR A 18 -1.63 -13.55 6.44
CA TYR A 18 -1.57 -14.72 5.58
C TYR A 18 -0.13 -15.22 5.42
N PRO A 19 0.04 -16.53 5.19
CA PRO A 19 1.38 -17.10 5.03
C PRO A 19 2.13 -16.59 3.80
N VAL A 20 3.44 -16.46 3.93
CA VAL A 20 4.33 -16.09 2.83
C VAL A 20 5.17 -17.31 2.46
N VAL A 21 5.42 -17.52 1.18
CA VAL A 21 6.23 -18.65 0.75
C VAL A 21 7.66 -18.46 1.22
N LYS A 22 8.40 -19.56 1.33
CA LYS A 22 9.76 -19.49 1.83
C LYS A 22 10.66 -18.76 0.83
N PRO A 23 11.72 -18.10 1.33
CA PRO A 23 12.60 -17.33 0.45
C PRO A 23 13.48 -18.21 -0.43
N GLU A 24 13.35 -18.07 -1.74
CA GLU A 24 14.19 -18.77 -2.70
C GLU A 24 14.55 -17.84 -3.85
N PRO A 25 15.55 -18.21 -4.66
CA PRO A 25 15.84 -17.42 -5.85
C PRO A 25 14.65 -17.36 -6.80
N LEU A 26 14.60 -16.35 -7.66
CA LEU A 26 13.54 -16.26 -8.65
C LEU A 26 13.82 -17.22 -9.80
N SER A 27 12.80 -17.97 -10.19
CA SER A 27 12.89 -18.88 -11.32
C SER A 27 12.57 -18.15 -12.61
N LYS A 28 12.85 -18.79 -13.75
CA LYS A 28 12.46 -18.24 -15.04
C LYS A 28 10.96 -18.04 -15.10
N GLN A 29 10.21 -18.98 -14.52
CA GLN A 29 8.77 -18.88 -14.48
C GLN A 29 8.33 -17.71 -13.63
N ASP A 30 9.02 -17.49 -12.51
CA ASP A 30 8.72 -16.36 -11.64
C ASP A 30 8.82 -15.04 -12.41
N THR A 31 9.90 -14.87 -13.16
CA THR A 31 10.12 -13.62 -13.90
C THR A 31 9.18 -13.51 -15.09
N ASP A 32 8.83 -14.64 -15.69
CA ASP A 32 7.84 -14.65 -16.76
C ASP A 32 6.51 -14.14 -16.21
N ILE A 33 6.14 -14.63 -15.04
CA ILE A 33 4.91 -14.21 -14.39
C ILE A 33 4.96 -12.72 -14.03
N LEU A 34 6.02 -12.31 -13.33
CA LEU A 34 6.12 -10.95 -12.83
C LEU A 34 6.28 -9.92 -13.96
N SER A 35 6.81 -10.35 -15.10
CA SER A 35 7.02 -9.45 -16.24
C SER A 35 5.69 -8.90 -16.79
N ASN A 36 4.59 -9.58 -16.50
CA ASN A 36 3.28 -9.09 -16.91
C ASN A 36 2.74 -8.02 -15.99
N TYR A 37 3.42 -7.77 -14.87
CA TYR A 37 3.01 -6.77 -13.90
C TYR A 37 4.03 -5.65 -13.74
N ILE A 38 5.31 -6.03 -13.64
CA ILE A 38 6.34 -5.11 -13.17
C ILE A 38 7.34 -4.73 -14.26
N ASN A 39 7.79 -3.48 -14.18
CA ASN A 39 8.84 -2.94 -15.03
C ASN A 39 10.02 -3.91 -15.13
N PRO A 40 10.47 -4.26 -16.35
CA PRO A 40 11.60 -5.19 -16.44
C PRO A 40 12.84 -4.66 -15.72
N LEU A 41 12.93 -3.34 -15.59
CA LEU A 41 14.01 -2.69 -14.87
C LEU A 41 14.24 -3.29 -13.48
N TYR A 42 13.14 -3.72 -12.86
CA TYR A 42 13.17 -4.19 -11.47
C TYR A 42 13.11 -5.72 -11.37
N LEU A 43 13.25 -6.40 -12.50
CA LEU A 43 13.15 -7.86 -12.55
C LEU A 43 14.43 -8.56 -13.02
N THR A 44 15.38 -7.79 -13.54
CA THR A 44 16.64 -8.37 -13.99
C THR A 44 17.46 -8.83 -12.78
N PRO A 45 18.40 -9.76 -12.99
CA PRO A 45 19.28 -10.21 -11.91
C PRO A 45 20.03 -9.07 -11.22
N ASP A 46 20.61 -8.17 -12.00
CA ASP A 46 21.42 -7.09 -11.44
C ASP A 46 20.54 -5.95 -10.95
N GLY A 47 19.36 -5.82 -11.54
CA GLY A 47 18.40 -4.83 -11.08
C GLY A 47 17.95 -5.15 -9.67
N ILE A 48 17.60 -6.41 -9.44
CA ILE A 48 17.16 -6.88 -8.13
C ILE A 48 18.31 -6.78 -7.13
N GLU A 49 19.52 -7.07 -7.59
CA GLU A 49 20.70 -7.02 -6.73
C GLU A 49 20.99 -5.58 -6.33
N LYS A 50 20.79 -4.65 -7.26
CA LYS A 50 20.96 -3.23 -6.97
C LYS A 50 19.90 -2.74 -5.99
N LEU A 51 18.67 -3.23 -6.14
CA LEU A 51 17.60 -2.90 -5.21
C LEU A 51 17.92 -3.42 -3.82
N SER A 52 18.43 -4.65 -3.76
CA SER A 52 18.78 -5.28 -2.49
C SER A 52 19.81 -4.45 -1.72
N LYS A 53 20.76 -3.88 -2.43
CA LYS A 53 21.84 -3.12 -1.80
C LYS A 53 21.36 -1.77 -1.29
N ARG A 54 20.54 -1.09 -2.06
CA ARG A 54 20.00 0.21 -1.65
C ARG A 54 19.07 0.06 -0.45
N PHE A 55 18.31 -1.03 -0.41
CA PHE A 55 17.40 -1.24 0.70
C PHE A 55 18.15 -1.63 1.97
N PHE A 56 19.17 -2.49 1.82
CA PHE A 56 19.97 -2.87 2.97
C PHE A 56 20.61 -1.63 3.58
N GLN A 57 21.08 -0.73 2.73
CA GLN A 57 21.82 0.43 3.19
C GLN A 57 20.91 1.53 3.72
N ASP A 58 19.81 1.79 3.01
CA ASP A 58 18.92 2.90 3.35
C ASP A 58 17.71 2.50 4.18
N SER A 59 17.38 1.22 4.18
CA SER A 59 16.19 0.70 4.86
C SER A 59 14.91 1.30 4.28
N VAL A 60 15.02 1.89 3.09
CA VAL A 60 13.86 2.32 2.33
C VAL A 60 14.25 2.42 0.86
N ILE A 61 13.32 2.06 -0.02
CA ILE A 61 13.48 2.32 -1.45
C ILE A 61 12.15 2.80 -2.02
N VAL A 62 12.23 3.81 -2.88
CA VAL A 62 11.06 4.32 -3.58
C VAL A 62 11.30 4.18 -5.07
N LEU A 63 10.42 3.43 -5.73
CA LEU A 63 10.60 3.04 -7.13
C LEU A 63 9.56 3.68 -8.05
N VAL A 64 10.00 4.67 -8.83
CA VAL A 64 9.14 5.24 -9.86
C VAL A 64 9.01 4.21 -10.98
N GLU A 65 7.95 4.35 -11.79
CA GLU A 65 7.71 3.45 -12.91
C GLU A 65 7.72 1.98 -12.48
N PHE A 66 7.02 1.67 -11.40
CA PHE A 66 7.12 0.34 -10.84
C PHE A 66 6.44 -0.71 -11.71
N LEU A 67 5.14 -0.52 -11.97
CA LEU A 67 4.40 -1.47 -12.77
C LEU A 67 4.79 -1.36 -14.23
N ASN A 68 4.73 -2.48 -14.92
CA ASN A 68 4.83 -2.54 -16.37
C ASN A 68 3.87 -1.51 -16.98
N GLN A 69 4.36 -0.73 -17.93
CA GLN A 69 3.61 0.41 -18.46
C GLN A 69 2.32 -0.02 -19.14
N GLU A 70 2.39 -1.10 -19.91
CA GLU A 70 1.21 -1.63 -20.59
C GLU A 70 0.15 -2.02 -19.57
N PHE A 71 0.58 -2.70 -18.51
CA PHE A 71 -0.32 -3.05 -17.40
C PHE A 71 -0.84 -1.80 -16.70
N ALA A 72 0.07 -0.89 -16.38
CA ALA A 72 -0.29 0.36 -15.72
C ALA A 72 -1.32 1.17 -16.52
N ASN A 73 -1.17 1.16 -17.84
CA ASN A 73 -2.11 1.86 -18.72
C ASN A 73 -3.55 1.36 -18.53
N THR A 74 -3.72 0.04 -18.41
CA THR A 74 -5.05 -0.54 -18.25
C THR A 74 -5.65 -0.12 -16.91
N LEU A 75 -4.80 -0.02 -15.89
CA LEU A 75 -5.25 0.44 -14.58
C LEU A 75 -5.59 1.92 -14.61
N LEU A 76 -4.80 2.69 -15.34
CA LEU A 76 -4.99 4.13 -15.44
C LEU A 76 -6.36 4.45 -16.03
N LYS A 77 -6.73 3.77 -17.11
CA LYS A 77 -8.02 4.00 -17.74
C LYS A 77 -9.17 3.70 -16.79
N ARG A 78 -9.03 2.65 -15.98
CA ARG A 78 -10.07 2.25 -15.05
C ARG A 78 -10.20 3.26 -13.90
N ILE A 79 -9.07 3.76 -13.42
CA ILE A 79 -9.07 4.72 -12.32
C ILE A 79 -9.64 6.06 -12.79
N ILE A 80 -9.28 6.48 -13.99
CA ILE A 80 -9.83 7.70 -14.56
C ILE A 80 -11.35 7.59 -14.67
N ASP A 81 -11.82 6.43 -15.14
CA ASP A 81 -13.25 6.18 -15.29
C ASP A 81 -13.97 6.26 -13.95
N ALA A 82 -13.39 5.65 -12.92
CA ALA A 82 -13.97 5.67 -11.60
C ALA A 82 -14.03 7.11 -11.06
N GLU A 83 -12.99 7.88 -11.36
CA GLU A 83 -12.93 9.27 -10.94
C GLU A 83 -14.00 10.10 -11.64
N ARG A 84 -14.35 9.71 -12.87
CA ARG A 84 -15.41 10.38 -13.62
C ARG A 84 -16.77 10.16 -12.97
N GLN A 85 -16.96 8.97 -12.40
CA GLN A 85 -18.23 8.63 -11.77
C GLN A 85 -18.43 9.49 -10.54
N PRO A 86 -19.70 9.61 -10.08
CA PRO A 86 -19.96 10.28 -8.81
C PRO A 86 -19.15 9.67 -7.68
N THR A 87 -18.46 10.49 -6.91
CA THR A 87 -17.69 10.00 -5.77
C THR A 87 -18.64 9.47 -4.70
N PRO A 88 -18.52 8.17 -4.35
CA PRO A 88 -19.39 7.65 -3.29
C PRO A 88 -19.02 8.23 -1.93
N MET A 89 -19.92 9.01 -1.35
CA MET A 89 -19.64 9.67 -0.07
C MET A 89 -20.46 9.07 1.08
N HIS A 90 -21.46 8.27 0.73
CA HIS A 90 -22.22 7.50 1.72
C HIS A 90 -22.01 6.01 1.49
N SER A 91 -22.12 5.23 2.55
CA SER A 91 -21.95 3.78 2.47
C SER A 91 -22.91 3.16 1.45
N SER A 92 -24.13 3.70 1.40
CA SER A 92 -25.14 3.21 0.47
C SER A 92 -24.74 3.43 -0.99
N GLU A 93 -23.80 4.34 -1.22
CA GLU A 93 -23.37 4.69 -2.57
C GLU A 93 -22.12 3.92 -3.01
N VAL A 94 -21.55 3.13 -2.11
CA VAL A 94 -20.32 2.41 -2.39
C VAL A 94 -20.59 1.13 -3.19
N SER A 95 -19.82 0.93 -4.24
CA SER A 95 -19.97 -0.22 -5.13
C SER A 95 -19.37 -1.49 -4.54
N PHE A 96 -20.07 -2.60 -4.70
CA PHE A 96 -19.53 -3.91 -4.36
C PHE A 96 -18.24 -4.13 -5.15
N PRO A 97 -17.20 -4.71 -4.53
CA PRO A 97 -17.08 -5.22 -3.16
C PRO A 97 -16.39 -4.27 -2.19
N TRP A 98 -16.33 -2.97 -2.51
CA TRP A 98 -15.69 -2.00 -1.63
C TRP A 98 -16.43 -1.87 -0.30
N LYS A 99 -15.68 -1.57 0.75
CA LYS A 99 -16.24 -1.34 2.07
C LYS A 99 -15.66 -0.06 2.66
N THR A 100 -16.33 0.49 3.68
CA THR A 100 -15.89 1.74 4.31
C THR A 100 -15.21 1.46 5.65
N ALA A 101 -13.98 1.93 5.78
CA ALA A 101 -13.26 1.85 7.05
C ALA A 101 -13.97 2.70 8.10
N ILE A 102 -14.20 2.11 9.26
CA ILE A 102 -14.93 2.77 10.34
C ILE A 102 -14.25 2.49 11.67
N PRO A 103 -14.55 3.29 12.72
CA PRO A 103 -15.43 4.47 12.76
C PRO A 103 -14.69 5.76 12.41
N PRO A 104 -15.44 6.86 12.21
CA PRO A 104 -14.89 8.13 11.73
C PRO A 104 -13.70 8.67 12.54
N HIS A 105 -13.69 8.51 13.85
CA HIS A 105 -12.64 9.12 14.66
C HIS A 105 -11.32 8.32 14.64
N LYS A 106 -11.38 7.11 14.10
CA LYS A 106 -10.18 6.29 13.91
C LYS A 106 -9.59 6.49 12.52
N HIS A 107 -10.47 6.47 11.53
CA HIS A 107 -10.06 6.59 10.14
C HIS A 107 -11.28 6.66 9.24
N ARG A 108 -11.05 6.86 7.96
CA ARG A 108 -12.11 6.81 6.98
C ARG A 108 -11.49 6.65 5.60
N TYR A 109 -11.91 5.60 4.89
CA TYR A 109 -11.51 5.38 3.51
C TYR A 109 -12.24 4.15 2.98
N LEU A 110 -12.24 3.99 1.66
CA LEU A 110 -12.83 2.81 1.04
C LEU A 110 -11.74 1.77 0.87
N TYR A 111 -12.08 0.49 0.97
CA TYR A 111 -11.06 -0.53 0.92
C TYR A 111 -11.52 -1.88 0.39
N LEU A 112 -10.53 -2.65 -0.08
CA LEU A 112 -10.71 -4.01 -0.56
C LEU A 112 -9.98 -4.97 0.36
N ASP A 113 -10.68 -6.01 0.81
CA ASP A 113 -10.05 -7.02 1.66
C ASP A 113 -8.91 -7.73 0.93
N HIS A 114 -8.00 -8.31 1.72
CA HIS A 114 -6.82 -9.01 1.23
C HIS A 114 -7.06 -9.89 0.00
N GLU A 115 -8.05 -10.77 0.10
CA GLU A 115 -8.24 -11.83 -0.88
C GLU A 115 -9.08 -11.40 -2.09
N GLU A 116 -9.48 -10.13 -2.10
CA GLU A 116 -10.42 -9.64 -3.11
C GLU A 116 -9.87 -9.72 -4.53
N PHE A 117 -10.67 -10.31 -5.42
CA PHE A 117 -10.41 -10.25 -6.85
C PHE A 117 -11.75 -10.14 -7.57
N GLY A 118 -11.71 -9.88 -8.87
CA GLY A 118 -12.91 -9.64 -9.64
C GLY A 118 -12.57 -8.73 -10.80
N PRO A 119 -13.40 -8.76 -11.85
CA PRO A 119 -13.06 -7.97 -13.05
C PRO A 119 -13.13 -6.46 -12.81
N ASP A 120 -13.86 -6.03 -11.78
CA ASP A 120 -14.17 -4.62 -11.61
C ASP A 120 -13.50 -3.98 -10.40
N ILE A 121 -12.84 -4.77 -9.56
CA ILE A 121 -11.93 -4.19 -8.59
C ILE A 121 -10.79 -3.65 -9.44
N ILE A 122 -10.41 -2.41 -9.21
CA ILE A 122 -9.49 -1.73 -10.09
C ILE A 122 -8.04 -2.04 -9.73
N LEU A 123 -7.77 -2.11 -8.43
CA LEU A 123 -6.42 -2.30 -7.94
C LEU A 123 -5.90 -3.72 -8.17
N PRO A 124 -4.59 -3.86 -8.44
CA PRO A 124 -4.00 -5.17 -8.73
C PRO A 124 -3.76 -5.99 -7.46
N MET A 125 -4.83 -6.48 -6.86
CA MET A 125 -4.76 -7.20 -5.60
C MET A 125 -4.10 -8.57 -5.75
N ASP A 126 -4.05 -9.11 -6.96
CA ASP A 126 -3.51 -10.43 -7.18
C ASP A 126 -1.97 -10.45 -7.12
N LEU A 127 -1.35 -9.30 -7.38
CA LEU A 127 0.10 -9.24 -7.51
C LEU A 127 0.85 -9.77 -6.30
N GLN A 128 0.55 -9.22 -5.12
CA GLN A 128 1.33 -9.56 -3.93
C GLN A 128 0.92 -10.89 -3.32
N ARG A 129 -0.15 -11.49 -3.84
CA ARG A 129 -0.56 -12.82 -3.42
C ARG A 129 0.20 -13.89 -4.21
N LEU A 130 0.83 -13.47 -5.31
CA LEU A 130 1.65 -14.38 -6.11
C LEU A 130 2.90 -14.83 -5.35
N PRO A 131 3.14 -16.15 -5.30
CA PRO A 131 4.41 -16.65 -4.75
C PRO A 131 5.63 -15.98 -5.39
N ALA A 132 5.59 -15.77 -6.70
CA ALA A 132 6.68 -15.11 -7.41
C ALA A 132 7.00 -13.75 -6.82
N PHE A 133 5.97 -12.96 -6.53
CA PHE A 133 6.20 -11.64 -5.93
C PHE A 133 6.74 -11.79 -4.51
N GLN A 134 6.20 -12.75 -3.78
CA GLN A 134 6.59 -12.96 -2.39
C GLN A 134 8.06 -13.37 -2.31
N ARG A 135 8.55 -14.08 -3.33
CA ARG A 135 9.97 -14.40 -3.41
C ARG A 135 10.76 -13.14 -3.76
N TRP A 136 10.20 -12.33 -4.66
CA TRP A 136 10.83 -11.11 -5.12
C TRP A 136 11.06 -10.12 -3.98
N ILE A 137 10.04 -9.90 -3.15
CA ILE A 137 10.13 -8.89 -2.09
C ILE A 137 11.05 -9.35 -0.96
N GLN A 138 11.13 -10.65 -0.75
CA GLN A 138 12.03 -11.19 0.27
C GLN A 138 13.47 -11.05 -0.19
N LEU A 139 13.68 -11.24 -1.49
CA LEU A 139 14.98 -11.06 -2.10
C LEU A 139 15.41 -9.60 -2.06
N VAL A 140 14.49 -8.72 -2.44
CA VAL A 140 14.76 -7.29 -2.50
C VAL A 140 14.98 -6.70 -1.11
N SER A 141 14.17 -7.11 -0.14
CA SER A 141 14.24 -6.54 1.20
C SER A 141 15.31 -7.23 2.06
N GLY A 142 15.76 -8.40 1.60
CA GLY A 142 16.77 -9.15 2.34
C GLY A 142 16.21 -9.77 3.61
N LEU A 143 14.89 -9.87 3.69
CA LEU A 143 14.22 -10.38 4.88
C LEU A 143 13.33 -11.57 4.58
N PRO A 144 13.57 -12.71 5.26
CA PRO A 144 12.56 -13.77 5.22
C PRO A 144 11.31 -13.32 5.96
N LEU A 145 10.15 -13.44 5.34
CA LEU A 145 8.91 -12.94 5.90
C LEU A 145 7.97 -14.08 6.27
N ARG A 146 7.41 -14.01 7.47
CA ARG A 146 6.58 -15.08 8.00
C ARG A 146 5.16 -14.99 7.47
N SER A 147 4.58 -13.80 7.56
CA SER A 147 3.19 -13.59 7.16
C SER A 147 2.97 -12.15 6.70
N PHE A 148 1.81 -11.89 6.09
CA PHE A 148 1.50 -10.54 5.63
C PHE A 148 0.02 -10.34 5.40
N HIS A 149 -0.36 -9.09 5.18
CA HIS A 149 -1.70 -8.75 4.72
C HIS A 149 -1.62 -7.51 3.85
N GLN A 150 -2.49 -7.43 2.87
CA GLN A 150 -2.58 -6.27 2.00
C GLN A 150 -3.98 -5.71 2.06
N VAL A 151 -4.11 -4.41 1.82
CA VAL A 151 -5.40 -3.77 1.70
C VAL A 151 -5.36 -2.78 0.54
N GLY A 152 -6.31 -2.93 -0.39
CA GLY A 152 -6.48 -1.96 -1.44
C GLY A 152 -7.29 -0.82 -0.87
N ARG A 153 -6.90 0.42 -1.16
CA ARG A 153 -7.54 1.57 -0.53
C ARG A 153 -7.82 2.72 -1.50
N ARG A 154 -8.91 3.42 -1.22
CA ARG A 154 -9.24 4.66 -1.91
C ARG A 154 -9.53 5.75 -0.88
N PHE A 155 -8.73 6.81 -0.91
CA PHE A 155 -8.93 7.96 -0.03
C PHE A 155 -9.60 9.09 -0.81
N ARG A 156 -10.89 9.29 -0.54
CA ARG A 156 -11.67 10.32 -1.22
C ARG A 156 -11.31 11.71 -0.72
N PRO A 157 -11.31 12.71 -1.61
CA PRO A 157 -10.97 14.07 -1.19
C PRO A 157 -12.02 14.68 -0.28
N GLY A 158 -11.58 15.48 0.68
CA GLY A 158 -12.48 16.14 1.62
C GLY A 158 -13.19 15.15 2.52
N SER A 159 -12.55 14.01 2.78
CA SER A 159 -13.19 12.96 3.57
C SER A 159 -12.20 12.05 4.31
N ASP A 160 -11.30 11.44 3.55
CA ASP A 160 -10.61 10.24 4.01
C ASP A 160 -9.21 10.48 4.56
N PHE A 161 -8.79 9.55 5.43
CA PHE A 161 -7.57 9.69 6.21
C PHE A 161 -7.33 8.44 7.05
N THR A 162 -6.11 8.32 7.57
CA THR A 162 -5.84 7.40 8.67
C THR A 162 -5.13 8.21 9.75
N LEU A 163 -5.26 7.78 11.00
CA LEU A 163 -4.61 8.48 12.11
C LEU A 163 -3.35 7.74 12.52
N ALA A 164 -2.46 8.44 13.24
CA ALA A 164 -1.18 7.89 13.63
C ALA A 164 -1.35 6.70 14.57
N THR A 165 -0.72 5.58 14.20
CA THR A 165 -0.74 4.37 15.00
C THR A 165 0.68 3.80 15.07
N THR A 166 0.93 2.96 16.07
CA THR A 166 2.26 2.38 16.26
C THR A 166 2.27 0.89 15.95
N ASN A 167 3.47 0.36 15.74
CA ASN A 167 3.66 -1.08 15.57
C ASN A 167 4.49 -1.62 16.73
N ASP A 168 4.00 -2.69 17.37
CA ASP A 168 4.69 -3.26 18.51
C ASP A 168 5.99 -3.94 18.09
N THR A 169 5.94 -4.63 16.94
CA THR A 169 7.12 -5.27 16.37
C THR A 169 7.48 -4.64 15.03
N ALA A 170 8.73 -4.80 14.62
CA ALA A 170 9.19 -4.27 13.34
C ALA A 170 8.43 -4.90 12.18
N LEU A 171 8.07 -4.07 11.20
CA LEU A 171 7.38 -4.53 10.00
C LEU A 171 8.07 -4.07 8.74
N LEU A 172 8.06 -4.93 7.72
CA LEU A 172 8.36 -4.50 6.37
C LEU A 172 7.05 -4.05 5.75
N GLU A 173 7.03 -2.83 5.22
CA GLU A 173 5.81 -2.28 4.66
C GLU A 173 6.02 -1.81 3.23
N ALA A 174 5.04 -2.13 2.38
CA ALA A 174 5.05 -1.72 0.99
C ALA A 174 3.77 -0.97 0.64
N THR A 175 3.92 0.13 -0.09
CA THR A 175 2.79 0.86 -0.63
C THR A 175 2.97 1.03 -2.14
N LEU A 176 2.02 0.48 -2.88
CA LEU A 176 1.94 0.71 -4.33
C LEU A 176 0.94 1.82 -4.58
N CYS A 177 1.43 2.97 -4.99
CA CYS A 177 0.57 4.14 -5.18
C CYS A 177 0.17 4.28 -6.64
N LEU A 178 -1.13 4.43 -6.85
CA LEU A 178 -1.70 4.51 -8.19
C LEU A 178 -2.65 5.71 -8.27
N SER A 179 -2.12 6.88 -7.95
CA SER A 179 -2.90 8.12 -7.89
C SER A 179 -2.47 9.08 -9.00
N PRO A 180 -3.29 9.20 -10.07
CA PRO A 180 -2.90 10.00 -11.24
C PRO A 180 -3.38 11.44 -11.19
N GLY A 181 -4.17 11.81 -10.19
CA GLY A 181 -4.66 13.16 -10.07
C GLY A 181 -3.54 14.18 -9.90
N THR A 182 -3.73 15.37 -10.46
CA THR A 182 -2.76 16.45 -10.30
C THR A 182 -2.81 17.03 -8.89
N GLY A 183 -4.02 17.08 -8.33
CA GLY A 183 -4.23 17.67 -7.01
C GLY A 183 -3.71 16.81 -5.87
N ILE A 184 -3.92 15.51 -5.98
CA ILE A 184 -3.52 14.58 -4.93
C ILE A 184 -2.00 14.55 -4.75
N ALA A 185 -1.27 14.89 -5.82
CA ALA A 185 0.19 14.84 -5.81
C ALA A 185 0.80 16.02 -5.06
N ASN A 186 -0.02 17.01 -4.75
CA ASN A 186 0.43 18.21 -4.04
C ASN A 186 0.19 18.05 -2.54
N THR A 187 1.27 18.02 -1.76
CA THR A 187 1.16 17.73 -0.32
C THR A 187 0.47 18.84 0.46
N ASP A 188 0.15 19.95 -0.21
CA ASP A 188 -0.69 20.97 0.39
C ASP A 188 -2.07 20.39 0.67
N ASN A 189 -2.50 19.49 -0.20
CA ASN A 189 -3.81 18.85 -0.09
C ASN A 189 -3.74 17.53 0.67
N GLY A 190 -2.60 17.26 1.31
CA GLY A 190 -2.43 16.05 2.09
C GLY A 190 -2.20 14.82 1.24
N ALA A 191 -2.81 13.72 1.65
CA ALA A 191 -2.76 12.43 0.94
C ALA A 191 -1.37 11.79 0.94
N TYR A 192 -0.42 12.39 1.67
CA TYR A 192 0.93 11.84 1.70
C TYR A 192 1.09 10.83 2.84
N ASP A 193 2.01 9.88 2.63
CA ASP A 193 2.29 8.83 3.59
C ASP A 193 3.41 9.27 4.53
N ILE A 194 3.13 9.27 5.84
CA ILE A 194 4.10 9.72 6.84
C ILE A 194 4.58 8.60 7.74
N TYR A 195 5.88 8.58 8.02
CA TYR A 195 6.47 7.77 9.09
C TYR A 195 7.21 8.71 10.03
N MET A 196 6.93 8.60 11.33
CA MET A 196 7.58 9.46 12.32
C MET A 196 7.73 8.76 13.66
N ILE A 197 8.53 9.35 14.54
CA ILE A 197 8.85 8.75 15.83
C ILE A 197 7.92 9.25 16.94
N GLY A 198 7.55 8.35 17.83
CA GLY A 198 6.78 8.66 19.03
C GLY A 198 5.65 9.64 18.83
N ASP A 216 14.00 16.55 14.50
CA ASP A 216 12.58 16.46 14.13
C ASP A 216 12.13 15.01 14.13
N SER A 217 10.82 14.79 14.14
CA SER A 217 10.25 13.46 14.34
C SER A 217 10.05 12.69 13.03
N ILE A 218 9.88 13.41 11.93
CA ILE A 218 9.52 12.77 10.66
C ILE A 218 10.69 11.97 10.07
N LEU A 219 10.40 10.72 9.73
CA LEU A 219 11.38 9.82 9.12
C LEU A 219 11.21 9.80 7.61
N LEU A 220 9.95 9.73 7.17
CA LEU A 220 9.61 9.68 5.75
C LEU A 220 8.34 10.44 5.48
N SER A 221 8.29 11.10 4.33
CA SER A 221 7.07 11.71 3.82
C SER A 221 6.96 11.40 2.33
N LEU A 222 5.99 10.57 1.99
CA LEU A 222 5.80 10.10 0.61
C LEU A 222 4.55 10.69 -0.01
N PRO A 223 4.72 11.62 -0.96
CA PRO A 223 3.53 12.21 -1.60
C PRO A 223 2.75 11.17 -2.41
N ALA A 224 1.46 11.41 -2.61
CA ALA A 224 0.69 10.56 -3.51
C ALA A 224 1.27 10.70 -4.90
N ALA A 225 1.37 9.59 -5.62
CA ALA A 225 2.00 9.57 -6.93
C ALA A 225 1.40 8.48 -7.80
N TRP A 226 1.69 8.52 -9.10
CA TRP A 226 1.24 7.47 -10.01
C TRP A 226 2.32 6.43 -10.25
N ASN A 227 1.99 5.18 -9.96
CA ASN A 227 2.85 4.05 -10.27
C ASN A 227 4.19 4.14 -9.54
N VAL A 228 4.12 4.36 -8.24
CA VAL A 228 5.31 4.41 -7.39
C VAL A 228 5.20 3.36 -6.29
N PHE A 229 6.25 2.55 -6.17
CA PHE A 229 6.31 1.50 -5.16
C PHE A 229 7.30 1.88 -4.07
N SER A 230 6.80 2.00 -2.84
CA SER A 230 7.63 2.36 -1.70
C SER A 230 7.76 1.16 -0.78
N LEU A 231 8.99 0.83 -0.41
CA LEU A 231 9.27 -0.27 0.51
C LEU A 231 10.01 0.29 1.72
N VAL A 232 9.48 0.06 2.91
CA VAL A 232 9.97 0.69 4.13
C VAL A 232 10.19 -0.32 5.24
N TYR A 233 11.36 -0.24 5.89
CA TYR A 233 11.58 -0.97 7.13
C TYR A 233 11.07 -0.15 8.30
N ARG A 234 9.96 -0.59 8.87
CA ARG A 234 9.31 0.13 9.96
C ARG A 234 9.75 -0.40 11.31
N ASP A 235 10.70 0.28 11.93
CA ASP A 235 11.14 -0.08 13.28
C ASP A 235 9.96 -0.08 14.24
N GLU A 236 10.09 -0.83 15.32
CA GLU A 236 9.06 -0.86 16.35
C GLU A 236 8.93 0.53 16.98
N GLY A 237 7.69 0.92 17.27
CA GLY A 237 7.42 2.21 17.90
C GLY A 237 7.35 3.38 16.93
N VAL A 238 7.32 3.08 15.63
CA VAL A 238 7.23 4.13 14.62
C VAL A 238 5.77 4.42 14.29
N LEU A 239 5.43 5.70 14.28
CA LEU A 239 4.09 6.14 13.90
C LEU A 239 3.95 6.15 12.38
N GLN A 240 2.77 5.78 11.89
CA GLN A 240 2.49 5.81 10.46
C GLN A 240 1.05 6.24 10.21
N PHE A 241 0.83 7.06 9.19
CA PHE A 241 -0.52 7.44 8.80
C PHE A 241 -0.57 8.10 7.43
N VAL A 242 -1.75 8.07 6.83
CA VAL A 242 -2.02 8.79 5.58
C VAL A 242 -2.73 10.09 5.93
N LYS A 243 -2.13 11.21 5.51
CA LYS A 243 -2.66 12.54 5.84
C LYS A 243 -3.99 12.80 5.16
N TYR A 244 -4.90 13.43 5.90
CA TYR A 244 -6.23 13.78 5.41
C TYR A 244 -6.19 14.41 4.02
N VAL A 245 -7.03 13.88 3.13
CA VAL A 245 -7.11 14.36 1.75
C VAL A 245 -8.09 15.53 1.66
N SER A 246 -7.57 16.71 1.35
CA SER A 246 -8.40 17.91 1.28
C SER A 246 -9.30 17.89 0.05
N ARG A 247 -10.41 18.64 0.13
CA ARG A 247 -11.32 18.85 -1.00
C ARG A 247 -10.56 19.23 -2.26
N GLN A 248 -9.63 20.16 -2.13
CA GLN A 248 -8.94 20.75 -3.27
C GLN A 248 -8.15 19.73 -4.08
N ALA A 249 -7.97 18.53 -3.54
CA ALA A 249 -7.30 17.46 -4.27
C ALA A 249 -8.10 17.10 -5.52
N GLU A 250 -9.42 17.21 -5.43
CA GLU A 250 -10.33 16.97 -6.55
C GLU A 250 -10.21 15.55 -7.11
N SER A 251 -9.57 14.67 -6.35
CA SER A 251 -9.40 13.29 -6.76
C SER A 251 -8.93 12.45 -5.58
N SER A 252 -8.97 11.13 -5.75
CA SER A 252 -8.65 10.21 -4.67
C SER A 252 -7.19 9.74 -4.72
N ARG A 253 -6.65 9.41 -3.56
CA ARG A 253 -5.45 8.61 -3.48
C ARG A 253 -5.86 7.16 -3.58
N TRP A 254 -5.33 6.47 -4.59
CA TRP A 254 -5.55 5.04 -4.76
C TRP A 254 -4.25 4.30 -4.47
N ASP A 255 -4.30 3.28 -3.62
CA ASP A 255 -3.09 2.48 -3.37
C ASP A 255 -3.40 1.07 -2.87
N ILE A 256 -2.34 0.27 -2.76
CA ILE A 256 -2.39 -0.99 -2.02
C ILE A 256 -1.33 -0.91 -0.94
N TYR A 257 -1.75 -1.16 0.30
CA TYR A 257 -0.87 -1.08 1.46
C TYR A 257 -0.71 -2.47 2.05
N SER A 258 0.54 -2.92 2.20
CA SER A 258 0.82 -4.25 2.73
C SER A 258 1.86 -4.21 3.85
N GLN A 259 1.59 -4.98 4.90
CA GLN A 259 2.50 -5.12 6.02
C GLN A 259 2.96 -6.57 6.14
N TRP A 260 4.27 -6.76 6.29
CA TRP A 260 4.86 -8.09 6.32
C TRP A 260 5.62 -8.32 7.62
N ASN A 261 5.35 -9.45 8.28
CA ASN A 261 6.04 -9.81 9.51
C ASN A 261 7.35 -10.55 9.23
N PRO A 262 8.50 -9.96 9.61
CA PRO A 262 9.76 -10.68 9.37
C PRO A 262 9.88 -11.96 10.19
N VAL A 263 10.48 -13.01 9.64
CA VAL A 263 11.02 -14.08 10.44
C VAL A 263 12.21 -13.47 11.15
N ALA A 264 12.04 -13.22 12.44
CA ALA A 264 13.02 -12.48 13.20
C ALA A 264 13.25 -13.01 14.60
N GLU A 265 14.02 -14.09 14.71
CA GLU A 265 14.41 -14.63 16.02
C GLU A 265 15.53 -15.65 15.87
#